data_1ISM
#
_entry.id   1ISM
#
_cell.length_a   57.896
_cell.length_b   112.728
_cell.length_c   133.553
_cell.angle_alpha   90.00
_cell.angle_beta   90.00
_cell.angle_gamma   90.00
#
_symmetry.space_group_name_H-M   'P 21 21 21'
#
loop_
_entity.id
_entity.type
_entity.pdbx_description
1 polymer 'bone marrow stromal cell antigen 1'
2 branched 2-acetamido-2-deoxy-beta-D-glucopyranose-(1-4)-2-acetamido-2-deoxy-beta-D-glucopyranose
3 non-polymer NICOTINAMIDE
#
_entity_poly.entity_id   1
_entity_poly.type   'polypeptide(L)'
_entity_poly.pdbx_seq_one_letter_code
;RWRAEGTSAHLRDIFLGRCAEYRALLSPEQRNKDCTAIWEAFKVALDKDPCSVLPSDYDLFITLSRHSIPRDKSLFWENS
HLLVNSFADNTRRFMPLSDVLYGRVADFLSWCRQKADSGLDYQSCPTSEDCENNPVDSFWKRASIQYSKDSSGVIHVMLN
GSEPTGAYPIKGFFADYEIPNLQKEKITRIEIWVMHEIGGPNVESCGEGSMKVLEKRLKDMGFQYSCINDYRPVKLLQCV
DHSTHPDCALKSAAAATQRKAPSLY
;
_entity_poly.pdbx_strand_id   A,B
#
# COMPACT_ATOMS: atom_id res chain seq x y z
N TRP A 2 7.44 16.87 -25.53
CA TRP A 2 7.62 16.64 -24.06
C TRP A 2 8.32 15.30 -23.80
N ARG A 3 9.42 15.34 -23.05
CA ARG A 3 10.19 14.14 -22.74
C ARG A 3 9.73 13.47 -21.44
N ALA A 4 8.44 13.53 -21.14
CA ALA A 4 7.93 12.91 -19.92
C ALA A 4 6.54 12.32 -20.13
N GLU A 5 6.24 11.26 -19.37
CA GLU A 5 4.95 10.57 -19.49
C GLU A 5 3.74 11.49 -19.37
N GLY A 6 2.75 11.24 -20.23
CA GLY A 6 1.55 12.06 -20.22
C GLY A 6 0.75 11.95 -18.93
N THR A 7 -0.37 12.65 -18.85
CA THR A 7 -1.18 12.63 -17.65
C THR A 7 -1.74 11.23 -17.40
N SER A 8 -1.72 10.82 -16.14
CA SER A 8 -2.22 9.52 -15.74
C SER A 8 -3.69 9.41 -16.15
N ALA A 9 -4.08 8.21 -16.58
CA ALA A 9 -5.46 7.95 -16.97
C ALA A 9 -6.29 7.87 -15.70
N HIS A 10 -7.51 8.40 -15.74
CA HIS A 10 -8.39 8.38 -14.57
C HIS A 10 -7.78 9.17 -13.41
N LEU A 11 -7.07 10.24 -13.76
CA LEU A 11 -6.42 11.10 -12.79
C LEU A 11 -7.35 11.57 -11.67
N ARG A 12 -8.54 12.05 -12.02
CA ARG A 12 -9.47 12.54 -11.01
C ARG A 12 -10.00 11.45 -10.07
N ASP A 13 -10.41 10.31 -10.63
CA ASP A 13 -10.92 9.21 -9.84
C ASP A 13 -9.86 8.77 -8.84
N ILE A 14 -8.64 8.63 -9.33
CA ILE A 14 -7.53 8.22 -8.49
C ILE A 14 -7.26 9.28 -7.43
N PHE A 15 -7.08 10.53 -7.85
CA PHE A 15 -6.83 11.62 -6.92
C PHE A 15 -7.89 11.59 -5.83
N LEU A 16 -9.16 11.59 -6.24
CA LEU A 16 -10.26 11.57 -5.29
C LEU A 16 -10.30 10.34 -4.41
N GLY A 17 -9.91 9.20 -4.96
CA GLY A 17 -9.91 7.97 -4.19
C GLY A 17 -8.85 7.97 -3.10
N ARG A 18 -7.63 8.37 -3.49
CA ARG A 18 -6.53 8.43 -2.55
C ARG A 18 -6.91 9.33 -1.39
N CYS A 19 -7.39 10.53 -1.74
CA CYS A 19 -7.80 11.51 -0.75
C CYS A 19 -8.81 10.89 0.22
N ALA A 20 -9.86 10.29 -0.33
CA ALA A 20 -10.90 9.66 0.47
C ALA A 20 -10.30 8.72 1.52
N GLU A 21 -9.47 7.79 1.07
CA GLU A 21 -8.84 6.83 1.97
C GLU A 21 -7.85 7.45 2.94
N TYR A 22 -7.17 8.51 2.54
CA TYR A 22 -6.21 9.11 3.45
C TYR A 22 -6.86 9.76 4.67
N ARG A 23 -8.07 10.32 4.49
CA ARG A 23 -8.80 10.96 5.57
C ARG A 23 -8.84 10.09 6.82
N ALA A 24 -9.05 8.80 6.61
CA ALA A 24 -9.12 7.82 7.69
C ALA A 24 -7.89 7.87 8.59
N LEU A 25 -6.74 8.20 8.01
CA LEU A 25 -5.51 8.27 8.77
C LEU A 25 -5.33 9.58 9.52
N LEU A 26 -5.96 10.64 9.03
CA LEU A 26 -5.87 11.95 9.65
C LEU A 26 -6.40 11.91 11.08
N SER A 27 -5.95 12.86 11.90
CA SER A 27 -6.41 12.91 13.28
C SER A 27 -7.85 13.42 13.24
N PRO A 28 -8.69 13.02 14.21
CA PRO A 28 -10.09 13.45 14.26
C PRO A 28 -10.30 14.94 13.99
N GLU A 29 -9.78 15.81 14.85
CA GLU A 29 -9.95 17.26 14.64
C GLU A 29 -9.05 17.78 13.52
N GLN A 30 -9.00 17.03 12.43
CA GLN A 30 -8.20 17.39 11.25
C GLN A 30 -8.73 16.53 10.09
N ARG A 31 -9.56 15.55 10.43
CA ARG A 31 -10.15 14.63 9.48
C ARG A 31 -11.13 15.31 8.54
N ASN A 32 -11.65 16.46 8.95
CA ASN A 32 -12.62 17.20 8.15
C ASN A 32 -11.98 17.91 6.96
N LYS A 33 -11.73 17.15 5.89
CA LYS A 33 -11.13 17.69 4.67
C LYS A 33 -12.14 17.54 3.53
N ASP A 34 -12.03 18.41 2.53
CA ASP A 34 -12.94 18.36 1.38
C ASP A 34 -12.13 17.95 0.16
N CYS A 35 -12.21 16.67 -0.18
CA CYS A 35 -11.47 16.13 -1.31
C CYS A 35 -11.84 16.74 -2.65
N THR A 36 -13.08 17.17 -2.79
CA THR A 36 -13.50 17.78 -4.03
C THR A 36 -12.92 19.19 -4.15
N ALA A 37 -12.94 19.93 -3.04
CA ALA A 37 -12.40 21.28 -3.05
C ALA A 37 -10.90 21.15 -3.31
N ILE A 38 -10.26 20.21 -2.63
CA ILE A 38 -8.83 19.97 -2.82
C ILE A 38 -8.52 19.67 -4.29
N TRP A 39 -9.31 18.78 -4.90
CA TRP A 39 -9.10 18.45 -6.30
C TRP A 39 -9.33 19.66 -7.18
N GLU A 40 -10.30 20.49 -6.78
CA GLU A 40 -10.62 21.70 -7.53
C GLU A 40 -9.45 22.67 -7.53
N ALA A 41 -8.80 22.82 -6.38
CA ALA A 41 -7.65 23.71 -6.23
C ALA A 41 -6.46 23.17 -7.01
N PHE A 42 -6.23 21.87 -6.89
CA PHE A 42 -5.14 21.21 -7.59
C PHE A 42 -5.29 21.42 -9.08
N LYS A 43 -6.52 21.23 -9.55
CA LYS A 43 -6.85 21.34 -10.96
C LYS A 43 -6.64 22.71 -11.60
N VAL A 44 -6.50 23.74 -10.77
CA VAL A 44 -6.31 25.09 -11.30
C VAL A 44 -5.11 25.12 -12.24
N ALA A 45 -4.12 24.28 -11.98
CA ALA A 45 -2.91 24.20 -12.80
C ALA A 45 -3.14 23.44 -14.09
N LEU A 46 -4.19 22.61 -14.12
CA LEU A 46 -4.49 21.85 -15.33
C LEU A 46 -5.23 22.74 -16.31
N ASP A 47 -5.48 23.98 -15.90
CA ASP A 47 -6.16 24.94 -16.76
C ASP A 47 -5.19 25.97 -17.27
N LYS A 48 -3.90 25.75 -17.04
CA LYS A 48 -2.88 26.69 -17.47
C LYS A 48 -1.94 26.08 -18.53
N ASP A 49 -1.04 26.91 -19.04
CA ASP A 49 -0.06 26.51 -20.03
C ASP A 49 0.91 25.51 -19.41
N PRO A 50 1.05 24.30 -20.00
CA PRO A 50 1.94 23.28 -19.47
C PRO A 50 3.33 23.73 -19.06
N CYS A 51 3.73 24.94 -19.49
CA CYS A 51 5.04 25.45 -19.15
C CYS A 51 5.03 26.75 -18.34
N SER A 52 3.83 27.18 -17.92
CA SER A 52 3.71 28.40 -17.14
C SER A 52 2.98 28.17 -15.81
N VAL A 53 3.46 27.19 -15.04
CA VAL A 53 2.87 26.87 -13.74
C VAL A 53 3.94 27.08 -12.69
N LEU A 54 3.62 27.83 -11.64
CA LEU A 54 4.59 28.08 -10.59
C LEU A 54 4.16 27.39 -9.30
N PRO A 55 5.11 27.13 -8.40
CA PRO A 55 4.77 26.47 -7.14
C PRO A 55 3.62 27.21 -6.43
N SER A 56 3.60 28.53 -6.56
CA SER A 56 2.56 29.38 -5.96
C SER A 56 1.14 28.95 -6.38
N ASP A 57 0.99 28.54 -7.63
CA ASP A 57 -0.32 28.14 -8.13
C ASP A 57 -0.96 27.00 -7.33
N TYR A 58 -0.14 26.25 -6.61
CA TYR A 58 -0.63 25.15 -5.81
C TYR A 58 -0.84 25.59 -4.37
N ASP A 59 -0.67 26.89 -4.13
CA ASP A 59 -0.82 27.43 -2.78
C ASP A 59 -2.17 27.10 -2.15
N LEU A 60 -3.25 27.48 -2.84
CA LEU A 60 -4.60 27.24 -2.34
C LEU A 60 -4.83 25.75 -2.09
N PHE A 61 -4.33 24.92 -3.00
CA PHE A 61 -4.45 23.48 -2.88
C PHE A 61 -3.82 23.02 -1.56
N ILE A 62 -2.64 23.57 -1.25
CA ILE A 62 -1.93 23.23 -0.02
C ILE A 62 -2.71 23.69 1.20
N THR A 63 -3.28 24.88 1.09
CA THR A 63 -4.06 25.44 2.19
C THR A 63 -5.17 24.47 2.60
N LEU A 64 -5.90 23.98 1.60
CA LEU A 64 -7.01 23.07 1.82
C LEU A 64 -6.62 21.61 2.20
N SER A 65 -5.34 21.28 2.13
CA SER A 65 -4.90 19.92 2.44
C SER A 65 -3.86 19.81 3.55
N ARG A 66 -3.20 20.92 3.82
CA ARG A 66 -2.17 20.99 4.85
C ARG A 66 -2.67 20.39 6.17
N HIS A 67 -1.84 19.56 6.80
CA HIS A 67 -2.17 18.94 8.08
C HIS A 67 -0.89 18.61 8.81
N SER A 68 -0.92 18.70 10.12
CA SER A 68 0.26 18.45 10.95
C SER A 68 0.93 17.13 10.68
N ILE A 69 2.25 17.12 10.88
CA ILE A 69 3.07 15.91 10.69
C ILE A 69 3.65 15.51 12.04
N PRO A 70 3.41 14.26 12.48
CA PRO A 70 3.92 13.77 13.77
C PRO A 70 5.40 14.03 13.98
N ARG A 71 5.76 14.55 15.15
CA ARG A 71 7.16 14.83 15.46
C ARG A 71 7.96 13.52 15.38
N ASP A 72 9.17 13.61 14.85
CA ASP A 72 10.07 12.46 14.69
C ASP A 72 9.65 11.47 13.59
N LYS A 73 8.55 11.76 12.91
CA LYS A 73 8.01 10.88 11.88
C LYS A 73 8.32 11.22 10.42
N SER A 74 8.90 12.41 10.17
CA SER A 74 9.23 12.79 8.80
C SER A 74 10.36 11.93 8.28
N LEU A 75 10.36 11.67 6.97
CA LEU A 75 11.37 10.85 6.34
C LEU A 75 11.66 11.37 4.94
N PHE A 76 12.70 12.18 4.80
CA PHE A 76 13.08 12.73 3.50
C PHE A 76 13.87 11.63 2.78
N TRP A 77 14.02 11.74 1.46
CA TRP A 77 14.77 10.74 0.70
C TRP A 77 15.23 11.19 -0.67
N GLU A 78 16.01 10.31 -1.29
CA GLU A 78 16.54 10.49 -2.64
C GLU A 78 16.88 9.12 -3.20
N ASN A 79 16.49 8.87 -4.46
CA ASN A 79 16.78 7.61 -5.12
C ASN A 79 16.36 6.39 -4.31
N SER A 80 15.08 6.27 -3.98
CA SER A 80 14.61 5.11 -3.24
C SER A 80 13.11 5.19 -2.97
N HIS A 81 12.43 5.93 -3.84
CA HIS A 81 11.00 6.15 -3.75
C HIS A 81 10.19 4.92 -3.29
N LEU A 82 10.29 3.82 -4.02
CA LEU A 82 9.54 2.63 -3.66
C LEU A 82 9.90 2.09 -2.28
N LEU A 83 11.19 1.95 -2.00
CA LEU A 83 11.62 1.44 -0.71
C LEU A 83 11.09 2.33 0.40
N VAL A 84 11.14 3.64 0.18
CA VAL A 84 10.65 4.60 1.18
C VAL A 84 9.18 4.34 1.45
N ASN A 85 8.38 4.35 0.39
CA ASN A 85 6.94 4.11 0.50
C ASN A 85 6.71 2.79 1.22
N SER A 86 7.40 1.76 0.74
CA SER A 86 7.28 0.43 1.31
C SER A 86 7.58 0.40 2.81
N PHE A 87 8.75 0.87 3.20
CA PHE A 87 9.16 0.88 4.60
C PHE A 87 8.26 1.74 5.49
N ALA A 88 7.78 2.85 4.92
CA ALA A 88 6.92 3.77 5.65
C ALA A 88 5.58 3.13 6.02
N ASP A 89 5.15 2.17 5.20
CA ASP A 89 3.89 1.45 5.41
C ASP A 89 2.66 2.31 5.67
N ASN A 90 2.42 3.27 4.79
CA ASN A 90 1.27 4.14 4.89
C ASN A 90 1.10 4.82 6.25
N THR A 91 2.07 5.66 6.59
CA THR A 91 2.12 6.41 7.84
C THR A 91 2.31 5.57 9.11
N ARG A 92 2.38 4.25 8.94
CA ARG A 92 2.54 3.38 10.10
C ARG A 92 3.90 3.48 10.76
N ARG A 93 4.96 3.22 9.99
CA ARG A 93 6.31 3.31 10.55
C ARG A 93 6.80 4.75 10.50
N PHE A 94 6.78 5.38 9.33
CA PHE A 94 7.19 6.77 9.21
C PHE A 94 6.25 7.51 8.29
N MET A 95 6.42 8.83 8.18
CA MET A 95 5.52 9.61 7.33
C MET A 95 6.19 10.50 6.30
N PRO A 96 6.58 9.93 5.17
CA PRO A 96 7.23 10.68 4.09
C PRO A 96 6.22 11.60 3.37
N LEU A 97 6.70 12.46 2.47
CA LEU A 97 5.82 13.37 1.74
C LEU A 97 4.75 12.59 0.96
N SER A 98 5.06 11.38 0.54
CA SER A 98 4.10 10.55 -0.20
C SER A 98 3.04 9.99 0.74
N ASP A 99 3.19 10.26 2.01
CA ASP A 99 2.25 9.79 3.01
C ASP A 99 1.56 10.94 3.75
N VAL A 100 1.68 12.13 3.16
CA VAL A 100 1.05 13.33 3.68
C VAL A 100 -0.06 13.55 2.65
N LEU A 101 -1.24 13.98 3.09
CA LEU A 101 -2.35 14.16 2.16
C LEU A 101 -2.01 14.89 0.86
N TYR A 102 -1.31 16.03 0.94
CA TYR A 102 -0.99 16.76 -0.28
C TYR A 102 0.04 16.04 -1.15
N GLY A 103 0.69 15.02 -0.60
CA GLY A 103 1.67 14.28 -1.36
C GLY A 103 1.11 12.93 -1.82
N ARG A 104 0.17 12.38 -1.05
CA ARG A 104 -0.44 11.10 -1.37
C ARG A 104 -1.31 11.16 -2.62
N VAL A 105 -2.12 12.20 -2.72
CA VAL A 105 -3.01 12.34 -3.88
C VAL A 105 -2.29 12.39 -5.22
N ALA A 106 -1.01 12.71 -5.24
CA ALA A 106 -0.31 12.79 -6.51
C ALA A 106 0.86 11.84 -6.64
N ASP A 107 1.12 11.06 -5.59
CA ASP A 107 2.25 10.13 -5.63
C ASP A 107 2.25 9.28 -6.88
N PHE A 108 3.34 9.36 -7.63
CA PHE A 108 3.52 8.59 -8.84
C PHE A 108 2.64 8.94 -10.02
N LEU A 109 1.73 9.91 -9.85
CA LEU A 109 0.86 10.30 -10.96
C LEU A 109 1.54 11.39 -11.78
N SER A 110 1.10 11.54 -13.03
CA SER A 110 1.67 12.56 -13.92
C SER A 110 0.52 13.40 -14.50
N TRP A 111 0.77 14.66 -14.81
CA TRP A 111 -0.31 15.49 -15.36
C TRP A 111 0.16 16.80 -15.98
N CYS A 112 -0.63 17.29 -16.93
CA CYS A 112 -0.33 18.54 -17.64
C CYS A 112 -1.33 18.72 -18.78
N ARG A 113 -1.76 19.95 -19.01
CA ARG A 113 -2.72 20.25 -20.08
C ARG A 113 -1.99 20.37 -21.41
N GLN A 114 -2.72 20.14 -22.51
CA GLN A 114 -2.15 20.25 -23.84
C GLN A 114 -1.83 21.71 -24.10
N LYS A 115 -0.66 21.97 -24.68
CA LYS A 115 -0.24 23.35 -24.97
C LYS A 115 -1.36 24.21 -25.55
N ALA A 116 -1.78 23.86 -26.77
CA ALA A 116 -2.82 24.59 -27.48
C ALA A 116 -4.21 24.38 -26.91
N ASP A 117 -4.75 23.18 -27.08
CA ASP A 117 -6.09 22.86 -26.60
C ASP A 117 -6.22 22.95 -25.07
N SER A 118 -7.47 22.92 -24.59
CA SER A 118 -7.74 23.02 -23.16
C SER A 118 -7.67 21.67 -22.43
N GLY A 119 -7.97 20.58 -23.14
CA GLY A 119 -7.94 19.27 -22.54
C GLY A 119 -6.57 18.82 -22.04
N LEU A 120 -6.56 17.73 -21.27
CA LEU A 120 -5.32 17.18 -20.73
C LEU A 120 -4.55 16.48 -21.83
N ASP A 121 -3.24 16.39 -21.69
CA ASP A 121 -2.42 15.70 -22.69
C ASP A 121 -2.03 14.35 -22.12
N TYR A 122 -2.61 13.29 -22.68
CA TYR A 122 -2.30 11.94 -22.21
C TYR A 122 -1.12 11.40 -22.99
N GLN A 123 -0.64 12.21 -23.93
CA GLN A 123 0.48 11.86 -24.78
C GLN A 123 1.78 12.03 -24.00
N SER A 124 2.09 13.25 -23.62
CA SER A 124 3.31 13.52 -22.88
C SER A 124 3.16 14.74 -21.97
N CYS A 125 4.19 15.00 -21.17
CA CYS A 125 4.16 16.16 -20.28
C CYS A 125 5.52 16.81 -20.22
N PRO A 126 5.55 18.15 -20.24
CA PRO A 126 6.82 18.88 -20.20
C PRO A 126 7.69 18.45 -19.04
N THR A 127 8.82 17.84 -19.37
CA THR A 127 9.75 17.39 -18.35
C THR A 127 10.60 18.60 -17.95
N SER A 128 11.33 18.47 -16.85
CA SER A 128 12.16 19.55 -16.34
C SER A 128 12.94 20.31 -17.41
N GLU A 129 13.56 19.60 -18.34
CA GLU A 129 14.33 20.24 -19.40
C GLU A 129 13.44 20.88 -20.46
N ASP A 130 12.32 20.25 -20.77
CA ASP A 130 11.37 20.79 -21.74
C ASP A 130 11.09 22.25 -21.40
N CYS A 131 11.01 22.51 -20.10
CA CYS A 131 10.75 23.85 -19.57
C CYS A 131 10.65 23.69 -18.05
N GLU A 132 11.24 24.61 -17.30
CA GLU A 132 11.24 24.50 -15.85
C GLU A 132 9.88 24.55 -15.17
N ASN A 133 9.06 25.53 -15.55
CA ASN A 133 7.77 25.69 -14.92
C ASN A 133 6.62 24.81 -15.39
N ASN A 134 6.84 23.50 -15.34
CA ASN A 134 5.80 22.56 -15.75
C ASN A 134 4.95 22.21 -14.52
N PRO A 135 3.74 21.67 -14.75
CA PRO A 135 2.82 21.29 -13.68
C PRO A 135 3.35 20.37 -12.60
N VAL A 136 3.98 19.27 -13.00
CA VAL A 136 4.49 18.30 -12.03
C VAL A 136 5.58 18.84 -11.12
N ASP A 137 6.69 19.29 -11.71
CA ASP A 137 7.80 19.82 -10.93
C ASP A 137 7.36 20.90 -9.94
N SER A 138 6.64 21.91 -10.43
CA SER A 138 6.15 22.99 -9.57
C SER A 138 5.34 22.45 -8.41
N PHE A 139 4.47 21.49 -8.69
CA PHE A 139 3.68 20.88 -7.64
C PHE A 139 4.61 20.36 -6.54
N TRP A 140 5.57 19.52 -6.90
CA TRP A 140 6.48 18.97 -5.91
C TRP A 140 7.33 20.01 -5.22
N LYS A 141 7.83 21.00 -5.95
CA LYS A 141 8.62 22.04 -5.32
C LYS A 141 7.77 22.58 -4.16
N ARG A 142 6.52 22.91 -4.47
CA ARG A 142 5.56 23.44 -3.51
C ARG A 142 5.28 22.46 -2.35
N ALA A 143 4.98 21.21 -2.70
CA ALA A 143 4.69 20.18 -1.71
C ALA A 143 5.91 19.92 -0.80
N SER A 144 7.11 19.96 -1.39
CA SER A 144 8.36 19.74 -0.68
C SER A 144 8.61 20.80 0.38
N ILE A 145 8.59 22.05 -0.04
CA ILE A 145 8.80 23.17 0.86
C ILE A 145 7.87 23.04 2.06
N GLN A 146 6.59 22.83 1.78
CA GLN A 146 5.62 22.70 2.84
C GLN A 146 6.00 21.55 3.78
N TYR A 147 6.35 20.41 3.20
CA TYR A 147 6.73 19.23 3.98
C TYR A 147 7.94 19.51 4.88
N SER A 148 8.94 20.20 4.33
CA SER A 148 10.13 20.53 5.10
C SER A 148 9.76 21.43 6.27
N LYS A 149 8.89 22.39 5.97
CA LYS A 149 8.45 23.36 6.97
C LYS A 149 7.65 22.78 8.13
N ASP A 150 6.81 21.80 7.86
CA ASP A 150 6.00 21.21 8.92
C ASP A 150 6.69 20.07 9.65
N SER A 151 7.97 19.86 9.40
CA SER A 151 8.70 18.78 10.06
C SER A 151 9.39 19.27 11.32
N SER A 152 9.48 18.39 12.33
CA SER A 152 10.15 18.71 13.57
C SER A 152 10.69 17.44 14.25
N GLY A 153 11.48 17.63 15.31
CA GLY A 153 12.03 16.49 16.01
C GLY A 153 13.24 15.91 15.32
N VAL A 154 13.23 14.59 15.13
CA VAL A 154 14.32 13.90 14.47
C VAL A 154 14.02 13.74 12.99
N ILE A 155 14.96 14.20 12.17
CA ILE A 155 14.80 14.13 10.72
C ILE A 155 15.53 12.94 10.12
N HIS A 156 14.78 11.98 9.59
CA HIS A 156 15.41 10.83 8.96
C HIS A 156 15.48 11.05 7.46
N VAL A 157 16.59 10.61 6.87
CA VAL A 157 16.79 10.74 5.44
C VAL A 157 17.32 9.43 4.89
N MET A 158 16.64 8.88 3.89
CA MET A 158 17.08 7.63 3.28
C MET A 158 17.77 7.87 1.93
N LEU A 159 19.07 7.60 1.87
CA LEU A 159 19.85 7.78 0.65
C LEU A 159 20.27 6.44 0.06
N ASN A 160 20.53 6.42 -1.24
CA ASN A 160 20.90 5.19 -1.93
C ASN A 160 22.40 5.04 -2.26
N GLY A 161 23.12 4.32 -1.40
CA GLY A 161 24.54 4.12 -1.61
C GLY A 161 24.97 3.30 -2.81
N SER A 162 24.01 2.68 -3.50
CA SER A 162 24.33 1.88 -4.68
C SER A 162 24.08 2.73 -5.91
N GLU A 163 23.78 3.99 -5.68
CA GLU A 163 23.52 4.94 -6.76
C GLU A 163 24.79 5.35 -7.49
N PRO A 164 24.84 5.09 -8.80
CA PRO A 164 25.99 5.41 -9.68
C PRO A 164 26.57 6.81 -9.54
N THR A 165 25.74 7.77 -9.18
CA THR A 165 26.15 9.16 -9.07
C THR A 165 26.46 9.67 -7.66
N GLY A 166 26.51 8.76 -6.69
CA GLY A 166 26.77 9.15 -5.32
C GLY A 166 25.46 9.20 -4.55
N ALA A 167 25.53 9.08 -3.23
CA ALA A 167 24.34 9.06 -2.39
C ALA A 167 23.55 10.36 -2.30
N TYR A 168 24.24 11.50 -2.38
CA TYR A 168 23.59 12.81 -2.25
C TYR A 168 23.75 13.68 -3.49
N PRO A 169 22.64 13.98 -4.20
CA PRO A 169 22.70 14.82 -5.40
C PRO A 169 22.64 16.29 -5.01
N ILE A 170 23.70 17.05 -5.32
CA ILE A 170 23.71 18.48 -4.99
C ILE A 170 22.53 19.23 -5.61
N LYS A 171 21.95 18.66 -6.65
CA LYS A 171 20.79 19.26 -7.30
C LYS A 171 19.66 18.26 -7.26
N GLY A 172 18.77 18.42 -6.29
CA GLY A 172 17.65 17.52 -6.14
C GLY A 172 16.64 18.19 -5.25
N PHE A 173 15.54 17.52 -4.94
CA PHE A 173 14.58 18.15 -4.07
C PHE A 173 15.13 18.28 -2.66
N PHE A 174 15.75 17.22 -2.16
CA PHE A 174 16.29 17.29 -0.80
C PHE A 174 17.26 18.44 -0.69
N ALA A 175 18.13 18.56 -1.69
CA ALA A 175 19.14 19.61 -1.70
C ALA A 175 18.58 21.02 -1.94
N ASP A 176 17.95 21.23 -3.09
CA ASP A 176 17.41 22.54 -3.47
C ASP A 176 16.14 23.06 -2.78
N TYR A 177 15.30 22.18 -2.25
CA TYR A 177 14.06 22.65 -1.62
C TYR A 177 13.75 22.20 -0.20
N GLU A 178 14.27 21.05 0.20
CA GLU A 178 13.98 20.56 1.53
C GLU A 178 14.94 21.11 2.59
N ILE A 179 16.21 20.78 2.46
CA ILE A 179 17.22 21.24 3.42
C ILE A 179 17.13 22.75 3.69
N PRO A 180 16.84 23.56 2.65
CA PRO A 180 16.71 25.02 2.78
C PRO A 180 15.49 25.48 3.57
N ASN A 181 14.54 24.59 3.78
CA ASN A 181 13.32 24.97 4.50
C ASN A 181 13.07 24.25 5.82
N LEU A 182 14.07 23.53 6.30
CA LEU A 182 13.94 22.85 7.57
C LEU A 182 14.01 23.92 8.66
N GLN A 183 12.97 24.04 9.47
CA GLN A 183 12.99 25.01 10.56
C GLN A 183 13.98 24.50 11.61
N LYS A 184 15.21 25.01 11.56
CA LYS A 184 16.26 24.59 12.47
C LYS A 184 15.86 24.59 13.94
N GLU A 185 15.19 25.66 14.37
CA GLU A 185 14.76 25.81 15.76
C GLU A 185 13.92 24.65 16.28
N LYS A 186 13.25 23.94 15.39
CA LYS A 186 12.42 22.83 15.85
C LYS A 186 12.87 21.45 15.39
N ILE A 187 14.16 21.32 15.08
CA ILE A 187 14.73 20.05 14.66
C ILE A 187 15.83 19.64 15.64
N THR A 188 15.69 18.49 16.30
CA THR A 188 16.70 18.04 17.26
C THR A 188 17.99 17.59 16.57
N ARG A 189 17.84 16.79 15.51
CA ARG A 189 18.99 16.28 14.75
C ARG A 189 18.55 15.62 13.43
N ILE A 190 19.51 15.43 12.54
CA ILE A 190 19.26 14.81 11.25
C ILE A 190 20.03 13.49 11.15
N GLU A 191 19.31 12.42 10.84
CA GLU A 191 19.90 11.09 10.73
C GLU A 191 19.81 10.62 9.28
N ILE A 192 20.90 10.07 8.76
CA ILE A 192 20.91 9.61 7.37
C ILE A 192 21.05 8.09 7.29
N TRP A 193 20.30 7.46 6.40
CA TRP A 193 20.42 6.02 6.22
C TRP A 193 20.89 5.82 4.80
N VAL A 194 22.15 5.44 4.62
CA VAL A 194 22.65 5.19 3.27
C VAL A 194 22.47 3.70 3.07
N MET A 195 21.43 3.35 2.31
CA MET A 195 21.10 1.96 2.03
C MET A 195 21.80 1.44 0.80
N HIS A 196 22.35 0.23 0.90
CA HIS A 196 23.01 -0.39 -0.23
C HIS A 196 22.18 -1.56 -0.71
N GLU A 197 22.24 -1.83 -2.00
CA GLU A 197 21.49 -2.93 -2.58
C GLU A 197 22.03 -4.24 -2.02
N ILE A 198 21.18 -5.26 -1.91
CA ILE A 198 21.61 -6.56 -1.40
C ILE A 198 22.63 -7.07 -2.41
N GLY A 199 23.89 -7.13 -1.98
CA GLY A 199 24.96 -7.56 -2.86
C GLY A 199 25.32 -6.42 -3.81
N GLY A 200 24.31 -5.66 -4.22
CA GLY A 200 24.51 -4.55 -5.14
C GLY A 200 25.74 -3.70 -4.87
N PRO A 201 26.14 -2.86 -5.85
CA PRO A 201 27.30 -1.96 -5.80
C PRO A 201 27.32 -1.01 -4.63
N ASN A 202 28.43 -1.01 -3.91
CA ASN A 202 28.58 -0.15 -2.75
C ASN A 202 29.30 1.13 -3.14
N VAL A 203 28.72 1.83 -4.12
CA VAL A 203 29.28 3.07 -4.65
C VAL A 203 29.75 4.04 -3.56
N GLU A 204 28.91 4.30 -2.55
CA GLU A 204 29.27 5.21 -1.47
C GLU A 204 28.64 4.81 -0.16
N SER A 205 29.30 5.13 0.93
CA SER A 205 28.79 4.85 2.26
C SER A 205 29.00 6.10 3.07
N CYS A 206 28.59 6.09 4.34
CA CYS A 206 28.73 7.29 5.16
C CYS A 206 30.13 7.92 5.06
N GLY A 207 30.16 9.24 5.19
CA GLY A 207 31.42 9.96 5.16
C GLY A 207 32.26 9.88 3.89
N GLU A 208 31.74 9.31 2.82
CA GLU A 208 32.52 9.22 1.59
C GLU A 208 31.86 10.03 0.49
N GLY A 209 32.59 10.27 -0.58
CA GLY A 209 32.05 11.02 -1.71
C GLY A 209 31.11 12.16 -1.39
N SER A 210 29.95 12.15 -2.04
CA SER A 210 28.94 13.18 -1.86
C SER A 210 28.50 13.28 -0.41
N MET A 211 28.60 12.18 0.34
CA MET A 211 28.20 12.21 1.73
C MET A 211 28.98 13.25 2.53
N LYS A 212 30.22 13.53 2.13
CA LYS A 212 31.01 14.51 2.84
C LYS A 212 30.43 15.90 2.57
N VAL A 213 29.98 16.10 1.34
CA VAL A 213 29.38 17.36 0.93
C VAL A 213 28.13 17.64 1.73
N LEU A 214 27.24 16.65 1.80
CA LEU A 214 26.00 16.77 2.53
C LEU A 214 26.27 16.99 4.01
N GLU A 215 27.09 16.12 4.59
CA GLU A 215 27.43 16.21 5.99
C GLU A 215 27.95 17.59 6.36
N LYS A 216 28.82 18.14 5.52
CA LYS A 216 29.36 19.47 5.81
C LYS A 216 28.26 20.52 5.83
N ARG A 217 27.43 20.55 4.79
CA ARG A 217 26.38 21.54 4.74
C ARG A 217 25.45 21.45 5.94
N LEU A 218 25.01 20.24 6.27
CA LEU A 218 24.12 20.08 7.40
C LEU A 218 24.76 20.63 8.68
N LYS A 219 26.03 20.31 8.89
CA LYS A 219 26.72 20.79 10.06
C LYS A 219 26.89 22.30 10.00
N ASP A 220 27.54 22.79 8.94
CA ASP A 220 27.74 24.22 8.75
C ASP A 220 26.45 24.95 9.08
N MET A 221 25.32 24.33 8.74
CA MET A 221 24.00 24.92 8.98
C MET A 221 23.61 24.92 10.45
N GLY A 222 24.42 24.26 11.29
CA GLY A 222 24.12 24.22 12.71
C GLY A 222 23.29 23.03 13.19
N PHE A 223 23.03 22.08 12.29
CA PHE A 223 22.25 20.89 12.63
C PHE A 223 23.15 19.90 13.32
N GLN A 224 22.55 18.92 13.99
CA GLN A 224 23.31 17.88 14.65
C GLN A 224 23.22 16.70 13.68
N TYR A 225 24.36 16.29 13.16
CA TYR A 225 24.44 15.23 12.15
C TYR A 225 24.86 13.84 12.62
N SER A 226 24.40 12.83 11.88
CA SER A 226 24.72 11.42 12.11
C SER A 226 24.38 10.67 10.83
N CYS A 227 25.07 9.55 10.60
CA CYS A 227 24.84 8.75 9.40
C CYS A 227 24.95 7.25 9.74
N ILE A 228 24.07 6.44 9.16
CA ILE A 228 24.07 5.02 9.42
C ILE A 228 24.12 4.23 8.13
N ASN A 229 25.10 3.35 7.99
CA ASN A 229 25.14 2.55 6.77
C ASN A 229 24.12 1.41 6.91
N ASP A 230 23.33 1.20 5.87
CA ASP A 230 22.32 0.15 5.89
C ASP A 230 21.56 0.00 7.20
N TYR A 231 20.77 1.01 7.55
CA TYR A 231 19.94 0.98 8.75
C TYR A 231 19.28 -0.39 8.78
N ARG A 232 19.45 -1.11 9.88
CA ARG A 232 18.92 -2.46 10.00
C ARG A 232 17.44 -2.71 9.63
N PRO A 233 16.51 -1.95 10.23
CA PRO A 233 15.10 -2.16 9.90
C PRO A 233 14.87 -2.23 8.39
N VAL A 234 15.42 -1.25 7.67
CA VAL A 234 15.29 -1.17 6.23
C VAL A 234 16.05 -2.30 5.52
N LYS A 235 17.19 -2.71 6.08
CA LYS A 235 17.96 -3.78 5.48
C LYS A 235 17.12 -5.05 5.46
N LEU A 236 16.46 -5.32 6.59
CA LEU A 236 15.61 -6.49 6.71
C LEU A 236 14.48 -6.46 5.66
N LEU A 237 13.97 -5.26 5.36
CA LEU A 237 12.91 -5.12 4.37
C LEU A 237 13.45 -5.48 2.99
N GLN A 238 14.66 -4.99 2.68
CA GLN A 238 15.29 -5.31 1.41
C GLN A 238 15.50 -6.81 1.35
N CYS A 239 15.94 -7.36 2.48
CA CYS A 239 16.21 -8.78 2.60
C CYS A 239 15.02 -9.67 2.28
N VAL A 240 13.82 -9.14 2.44
CA VAL A 240 12.62 -9.91 2.15
C VAL A 240 12.68 -10.50 0.74
N ASP A 241 13.31 -9.78 -0.19
CA ASP A 241 13.40 -10.24 -1.57
C ASP A 241 14.74 -10.88 -1.92
N HIS A 242 15.49 -11.26 -0.90
CA HIS A 242 16.80 -11.90 -1.09
C HIS A 242 17.07 -12.77 0.14
N SER A 243 16.05 -13.51 0.57
CA SER A 243 16.15 -14.36 1.74
C SER A 243 17.29 -15.37 1.71
N THR A 244 17.64 -15.86 0.53
CA THR A 244 18.70 -16.85 0.41
C THR A 244 20.08 -16.22 0.32
N HIS A 245 20.13 -14.90 0.14
CA HIS A 245 21.41 -14.22 0.04
C HIS A 245 22.11 -14.25 1.39
N PRO A 246 23.45 -14.26 1.38
CA PRO A 246 24.20 -14.28 2.64
C PRO A 246 24.10 -13.00 3.48
N ASP A 247 23.91 -11.84 2.85
CA ASP A 247 23.79 -10.57 3.58
C ASP A 247 22.49 -10.62 4.38
N CYS A 248 21.61 -11.51 3.97
CA CYS A 248 20.30 -11.66 4.58
C CYS A 248 20.15 -12.87 5.48
N ALA A 249 21.23 -13.63 5.60
CA ALA A 249 21.23 -14.84 6.42
C ALA A 249 20.98 -14.50 7.89
N LEU A 250 20.15 -15.31 8.54
CA LEU A 250 19.85 -15.11 9.95
C LEU A 250 20.70 -16.05 10.78
N LYS A 251 20.34 -16.22 12.06
CA LYS A 251 21.08 -17.12 12.93
C LYS A 251 20.16 -17.84 13.92
N TRP B 2 -27.45 -3.08 15.44
CA TRP B 2 -26.55 -4.12 14.86
C TRP B 2 -25.31 -4.31 15.73
N ARG B 3 -24.47 -5.29 15.38
CA ARG B 3 -23.28 -5.59 16.17
C ARG B 3 -21.95 -5.45 15.42
N ALA B 4 -22.00 -5.18 14.13
CA ALA B 4 -20.78 -5.02 13.35
C ALA B 4 -20.52 -3.55 13.06
N GLU B 5 -19.37 -3.26 12.48
CA GLU B 5 -18.98 -1.89 12.15
C GLU B 5 -19.95 -1.29 11.11
N GLY B 6 -20.24 0.01 11.25
CA GLY B 6 -21.14 0.65 10.32
C GLY B 6 -20.56 0.78 8.92
N THR B 7 -21.40 1.12 7.96
CA THR B 7 -20.95 1.25 6.59
C THR B 7 -19.84 2.31 6.47
N SER B 8 -18.79 1.98 5.72
CA SER B 8 -17.64 2.86 5.52
C SER B 8 -17.96 4.25 4.95
N ALA B 9 -17.30 5.28 5.48
CA ALA B 9 -17.52 6.64 4.99
C ALA B 9 -16.96 6.77 3.59
N HIS B 10 -17.59 7.60 2.77
CA HIS B 10 -17.12 7.81 1.41
C HIS B 10 -16.86 6.49 0.70
N LEU B 11 -17.71 5.52 0.99
CA LEU B 11 -17.60 4.20 0.38
C LEU B 11 -17.45 4.26 -1.14
N ARG B 12 -18.38 4.92 -1.83
CA ARG B 12 -18.33 5.01 -3.28
C ARG B 12 -17.03 5.64 -3.76
N ASP B 13 -16.64 6.75 -3.13
CA ASP B 13 -15.42 7.45 -3.48
C ASP B 13 -14.22 6.51 -3.42
N ILE B 14 -14.11 5.79 -2.30
CA ILE B 14 -13.03 4.84 -2.08
C ILE B 14 -13.07 3.73 -3.12
N PHE B 15 -14.21 3.04 -3.16
CA PHE B 15 -14.46 1.95 -4.09
C PHE B 15 -13.99 2.30 -5.51
N LEU B 16 -14.56 3.36 -6.07
CA LEU B 16 -14.19 3.76 -7.42
C LEU B 16 -12.70 4.07 -7.53
N GLY B 17 -12.14 4.68 -6.48
CA GLY B 17 -10.73 5.01 -6.49
C GLY B 17 -9.86 3.77 -6.55
N ARG B 18 -10.14 2.83 -5.64
CA ARG B 18 -9.39 1.57 -5.60
C ARG B 18 -9.44 0.92 -6.97
N CYS B 19 -10.66 0.78 -7.48
CA CYS B 19 -10.90 0.18 -8.78
C CYS B 19 -10.09 0.91 -9.83
N ALA B 20 -10.10 2.23 -9.75
CA ALA B 20 -9.39 3.09 -10.69
C ALA B 20 -7.91 2.76 -10.76
N GLU B 21 -7.26 2.74 -9.61
CA GLU B 21 -5.85 2.45 -9.54
C GLU B 21 -5.51 1.03 -9.93
N TYR B 22 -6.34 0.08 -9.51
CA TYR B 22 -6.09 -1.33 -9.80
C TYR B 22 -5.94 -1.64 -11.29
N ARG B 23 -6.66 -0.90 -12.13
CA ARG B 23 -6.61 -1.12 -13.58
C ARG B 23 -5.19 -1.15 -14.12
N ALA B 24 -4.38 -0.18 -13.72
CA ALA B 24 -3.00 -0.10 -14.19
C ALA B 24 -2.29 -1.41 -13.94
N LEU B 25 -2.73 -2.15 -12.94
CA LEU B 25 -2.13 -3.43 -12.59
C LEU B 25 -2.53 -4.57 -13.53
N LEU B 26 -3.76 -4.51 -14.05
CA LEU B 26 -4.27 -5.55 -14.94
C LEU B 26 -3.50 -5.60 -16.24
N SER B 27 -3.52 -6.77 -16.88
CA SER B 27 -2.83 -6.93 -18.16
C SER B 27 -3.67 -6.17 -19.18
N PRO B 28 -3.04 -5.65 -20.24
CA PRO B 28 -3.75 -4.91 -21.29
C PRO B 28 -5.08 -5.55 -21.71
N GLU B 29 -5.03 -6.81 -22.13
CA GLU B 29 -6.23 -7.53 -22.56
C GLU B 29 -7.35 -7.43 -21.53
N GLN B 30 -6.98 -7.29 -20.26
CA GLN B 30 -7.95 -7.22 -19.18
C GLN B 30 -8.09 -5.87 -18.53
N ARG B 31 -7.46 -4.85 -19.10
CA ARG B 31 -7.50 -3.50 -18.54
C ARG B 31 -8.87 -2.83 -18.76
N ASN B 32 -9.62 -3.32 -19.75
CA ASN B 32 -10.94 -2.79 -20.14
C ASN B 32 -12.00 -2.61 -19.05
N LYS B 33 -11.69 -2.94 -17.80
CA LYS B 33 -12.67 -2.81 -16.71
C LYS B 33 -13.39 -1.47 -16.64
N ASP B 34 -14.68 -1.51 -16.34
CA ASP B 34 -15.51 -0.30 -16.22
C ASP B 34 -15.92 -0.15 -14.77
N CYS B 35 -15.13 0.59 -14.00
CA CYS B 35 -15.42 0.76 -12.57
C CYS B 35 -16.83 1.20 -12.21
N THR B 36 -17.37 2.19 -12.92
CA THR B 36 -18.71 2.66 -12.61
C THR B 36 -19.74 1.54 -12.81
N ALA B 37 -19.52 0.72 -13.83
CA ALA B 37 -20.42 -0.38 -14.09
C ALA B 37 -20.23 -1.34 -12.93
N ILE B 38 -18.97 -1.60 -12.55
CA ILE B 38 -18.68 -2.49 -11.44
C ILE B 38 -19.34 -2.00 -10.15
N TRP B 39 -19.28 -0.69 -9.91
CA TRP B 39 -19.89 -0.10 -8.73
C TRP B 39 -21.41 -0.17 -8.79
N GLU B 40 -21.96 0.13 -9.96
CA GLU B 40 -23.40 0.09 -10.12
C GLU B 40 -23.92 -1.31 -9.80
N ALA B 41 -23.18 -2.33 -10.24
CA ALA B 41 -23.52 -3.73 -10.02
C ALA B 41 -23.33 -4.13 -8.55
N PHE B 42 -22.29 -3.57 -7.93
CA PHE B 42 -21.99 -3.85 -6.52
C PHE B 42 -23.11 -3.29 -5.67
N LYS B 43 -23.65 -2.14 -6.07
CA LYS B 43 -24.71 -1.51 -5.30
C LYS B 43 -26.02 -2.29 -5.25
N VAL B 44 -26.26 -3.16 -6.22
CA VAL B 44 -27.49 -3.96 -6.26
C VAL B 44 -27.78 -4.59 -4.91
N ALA B 45 -26.74 -5.05 -4.22
CA ALA B 45 -26.91 -5.68 -2.91
C ALA B 45 -27.08 -4.61 -1.83
N LEU B 46 -26.60 -3.41 -2.10
CA LEU B 46 -26.71 -2.32 -1.16
C LEU B 46 -28.14 -1.80 -1.04
N ASP B 47 -28.95 -2.02 -2.05
CA ASP B 47 -30.31 -1.54 -2.02
C ASP B 47 -31.25 -2.47 -1.27
N LYS B 48 -30.89 -3.75 -1.18
CA LYS B 48 -31.68 -4.78 -0.52
C LYS B 48 -31.62 -4.78 1.02
N ASP B 49 -32.63 -5.39 1.63
CA ASP B 49 -32.72 -5.52 3.08
C ASP B 49 -31.40 -6.10 3.61
N PRO B 50 -30.74 -5.38 4.53
CA PRO B 50 -29.45 -5.73 5.16
C PRO B 50 -29.30 -7.15 5.71
N CYS B 51 -30.38 -7.91 5.76
CA CYS B 51 -30.29 -9.28 6.24
C CYS B 51 -30.80 -10.26 5.20
N SER B 52 -31.00 -9.77 3.98
CA SER B 52 -31.49 -10.60 2.89
C SER B 52 -30.60 -10.58 1.63
N VAL B 53 -29.30 -10.42 1.83
CA VAL B 53 -28.39 -10.40 0.70
C VAL B 53 -27.74 -11.76 0.55
N LEU B 54 -27.77 -12.29 -0.66
CA LEU B 54 -27.19 -13.58 -0.93
C LEU B 54 -25.93 -13.45 -1.75
N PRO B 55 -25.02 -14.44 -1.66
CA PRO B 55 -23.79 -14.38 -2.43
C PRO B 55 -24.14 -14.21 -3.91
N SER B 56 -25.10 -15.00 -4.37
CA SER B 56 -25.53 -14.94 -5.78
C SER B 56 -25.90 -13.53 -6.24
N ASP B 57 -26.20 -12.63 -5.29
CA ASP B 57 -26.55 -11.27 -5.67
C ASP B 57 -25.34 -10.58 -6.28
N TYR B 58 -24.17 -10.93 -5.79
CA TYR B 58 -22.93 -10.35 -6.29
C TYR B 58 -22.42 -10.98 -7.57
N ASP B 59 -23.22 -11.88 -8.14
CA ASP B 59 -22.84 -12.56 -9.39
C ASP B 59 -22.52 -11.59 -10.52
N LEU B 60 -23.40 -10.60 -10.72
CA LEU B 60 -23.21 -9.61 -11.76
C LEU B 60 -21.93 -8.81 -11.50
N PHE B 61 -21.75 -8.41 -10.26
CA PHE B 61 -20.56 -7.67 -9.84
C PHE B 61 -19.29 -8.46 -10.17
N ILE B 62 -19.29 -9.75 -9.87
CA ILE B 62 -18.13 -10.59 -10.15
C ILE B 62 -17.94 -10.73 -11.66
N THR B 63 -19.05 -10.71 -12.39
CA THR B 63 -18.96 -10.86 -13.84
C THR B 63 -18.14 -9.74 -14.49
N LEU B 64 -18.48 -8.50 -14.15
CA LEU B 64 -17.81 -7.32 -14.70
C LEU B 64 -16.42 -7.02 -14.13
N SER B 65 -16.03 -7.69 -13.05
CA SER B 65 -14.73 -7.44 -12.43
C SER B 65 -13.78 -8.64 -12.43
N ARG B 66 -14.32 -9.81 -12.71
CA ARG B 66 -13.52 -11.04 -12.75
C ARG B 66 -12.32 -10.84 -13.68
N HIS B 67 -11.21 -11.50 -13.38
CA HIS B 67 -10.01 -11.41 -14.20
C HIS B 67 -9.03 -12.48 -13.75
N SER B 68 -8.13 -12.88 -14.64
CA SER B 68 -7.19 -13.94 -14.34
C SER B 68 -6.25 -13.69 -13.17
N ILE B 69 -5.68 -14.78 -12.65
CA ILE B 69 -4.75 -14.69 -11.55
C ILE B 69 -3.55 -15.53 -11.96
N PRO B 70 -2.35 -14.92 -11.97
CA PRO B 70 -1.13 -15.64 -12.36
C PRO B 70 -0.99 -17.00 -11.68
N ARG B 71 -0.62 -18.03 -12.44
CA ARG B 71 -0.42 -19.35 -11.85
C ARG B 71 0.70 -19.22 -10.80
N ASP B 72 0.58 -19.96 -9.70
CA ASP B 72 1.58 -19.95 -8.64
C ASP B 72 1.66 -18.65 -7.84
N LYS B 73 0.72 -17.74 -8.08
CA LYS B 73 0.75 -16.48 -7.36
C LYS B 73 -0.38 -16.28 -6.37
N SER B 74 -1.22 -17.29 -6.18
CA SER B 74 -2.33 -17.17 -5.23
C SER B 74 -1.81 -17.28 -3.81
N LEU B 75 -2.51 -16.62 -2.89
CA LEU B 75 -2.12 -16.65 -1.49
C LEU B 75 -3.36 -16.61 -0.59
N PHE B 76 -3.75 -17.78 -0.09
CA PHE B 76 -4.89 -17.88 0.80
C PHE B 76 -4.36 -17.65 2.21
N TRP B 77 -5.23 -17.26 3.15
CA TRP B 77 -4.75 -17.02 4.49
C TRP B 77 -5.82 -16.94 5.57
N GLU B 78 -5.37 -16.95 6.81
CA GLU B 78 -6.24 -16.83 7.97
C GLU B 78 -5.46 -16.12 9.08
N ASN B 79 -6.16 -15.33 9.89
CA ASN B 79 -5.55 -14.61 11.01
C ASN B 79 -4.25 -13.89 10.69
N SER B 80 -4.16 -13.25 9.54
CA SER B 80 -2.92 -12.53 9.19
C SER B 80 -3.11 -11.53 8.04
N HIS B 81 -4.35 -11.02 7.95
CA HIS B 81 -4.75 -10.06 6.93
C HIS B 81 -3.70 -8.99 6.58
N LEU B 82 -3.28 -8.22 7.57
CA LEU B 82 -2.30 -7.17 7.31
C LEU B 82 -0.98 -7.71 6.78
N LEU B 83 -0.44 -8.71 7.46
CA LEU B 83 0.83 -9.29 7.04
C LEU B 83 0.71 -9.79 5.59
N VAL B 84 -0.43 -10.37 5.24
CA VAL B 84 -0.65 -10.87 3.90
C VAL B 84 -0.63 -9.74 2.88
N ASN B 85 -1.36 -8.68 3.17
CA ASN B 85 -1.41 -7.51 2.29
C ASN B 85 -0.04 -6.90 2.12
N SER B 86 0.65 -6.76 3.24
CA SER B 86 1.97 -6.19 3.28
C SER B 86 2.98 -6.99 2.43
N PHE B 87 3.07 -8.29 2.69
CA PHE B 87 4.00 -9.15 1.98
C PHE B 87 3.72 -9.24 0.48
N ALA B 88 2.48 -9.51 0.11
CA ALA B 88 2.10 -9.61 -1.29
C ALA B 88 2.57 -8.37 -2.07
N ASP B 89 2.47 -7.22 -1.42
CA ASP B 89 2.89 -5.95 -2.00
C ASP B 89 2.19 -5.50 -3.28
N ASN B 90 0.87 -5.34 -3.19
CA ASN B 90 0.07 -4.90 -4.32
C ASN B 90 0.35 -5.70 -5.60
N THR B 91 0.18 -7.01 -5.48
CA THR B 91 0.40 -8.01 -6.54
C THR B 91 1.85 -8.23 -6.93
N ARG B 92 2.78 -7.44 -6.39
CA ARG B 92 4.17 -7.61 -6.77
C ARG B 92 4.72 -9.00 -6.39
N ARG B 93 4.69 -9.36 -5.12
CA ARG B 93 5.18 -10.67 -4.71
C ARG B 93 4.12 -11.74 -4.90
N PHE B 94 2.88 -11.45 -4.48
CA PHE B 94 1.77 -12.38 -4.63
C PHE B 94 0.46 -11.69 -4.90
N MET B 95 -0.58 -12.48 -5.13
CA MET B 95 -1.90 -11.91 -5.42
C MET B 95 -3.03 -12.51 -4.59
N PRO B 96 -3.12 -12.13 -3.31
CA PRO B 96 -4.18 -12.66 -2.45
C PRO B 96 -5.53 -12.08 -2.90
N LEU B 97 -6.63 -12.58 -2.36
CA LEU B 97 -7.94 -12.08 -2.75
C LEU B 97 -8.01 -10.55 -2.66
N SER B 98 -7.36 -9.99 -1.63
CA SER B 98 -7.36 -8.55 -1.43
C SER B 98 -6.60 -7.84 -2.55
N ASP B 99 -5.90 -8.62 -3.36
CA ASP B 99 -5.14 -8.04 -4.46
C ASP B 99 -5.69 -8.41 -5.83
N VAL B 100 -6.96 -8.74 -5.86
CA VAL B 100 -7.67 -9.06 -7.09
C VAL B 100 -8.72 -7.96 -7.18
N LEU B 101 -9.07 -7.53 -8.38
CA LEU B 101 -10.01 -6.43 -8.50
C LEU B 101 -11.22 -6.53 -7.61
N TYR B 102 -11.97 -7.62 -7.69
CA TYR B 102 -13.17 -7.71 -6.85
C TYR B 102 -12.89 -7.74 -5.36
N GLY B 103 -11.62 -7.91 -4.99
CA GLY B 103 -11.27 -7.93 -3.59
C GLY B 103 -10.72 -6.58 -3.16
N ARG B 104 -9.80 -6.04 -3.96
CA ARG B 104 -9.19 -4.75 -3.66
C ARG B 104 -10.23 -3.68 -3.38
N VAL B 105 -11.27 -3.62 -4.21
CA VAL B 105 -12.32 -2.63 -4.06
C VAL B 105 -13.10 -2.69 -2.75
N ALA B 106 -13.13 -3.86 -2.11
CA ALA B 106 -13.88 -3.99 -0.87
C ALA B 106 -13.03 -4.30 0.36
N ASP B 107 -11.72 -4.41 0.19
CA ASP B 107 -10.82 -4.72 1.31
C ASP B 107 -11.01 -3.80 2.53
N PHE B 108 -11.14 -4.40 3.71
CA PHE B 108 -11.31 -3.67 4.97
C PHE B 108 -12.53 -2.75 5.10
N LEU B 109 -13.30 -2.60 4.02
CA LEU B 109 -14.49 -1.75 4.05
C LEU B 109 -15.70 -2.43 4.71
N SER B 110 -16.78 -1.68 4.88
CA SER B 110 -18.01 -2.21 5.47
C SER B 110 -19.18 -1.52 4.80
N TRP B 111 -20.35 -2.17 4.80
CA TRP B 111 -21.52 -1.57 4.16
C TRP B 111 -22.80 -2.33 4.41
N CYS B 112 -23.91 -1.61 4.33
CA CYS B 112 -25.23 -2.19 4.52
C CYS B 112 -26.26 -1.08 4.44
N ARG B 113 -27.50 -1.45 4.13
CA ARG B 113 -28.58 -0.49 4.02
C ARG B 113 -29.27 -0.34 5.35
N GLN B 114 -30.06 0.71 5.49
CA GLN B 114 -30.81 0.95 6.72
C GLN B 114 -31.75 -0.24 6.91
N LYS B 115 -31.94 -0.64 8.15
CA LYS B 115 -32.80 -1.77 8.46
C LYS B 115 -34.22 -1.55 7.91
N ALA B 116 -34.67 -0.31 7.96
CA ALA B 116 -36.01 0.04 7.47
C ALA B 116 -35.98 1.11 6.37
N ASP B 117 -35.06 2.06 6.49
CA ASP B 117 -34.93 3.14 5.50
C ASP B 117 -34.18 2.66 4.24
N SER B 118 -34.14 3.51 3.22
CA SER B 118 -33.49 3.19 1.96
C SER B 118 -32.04 3.67 1.81
N GLY B 119 -31.50 4.31 2.84
CA GLY B 119 -30.13 4.80 2.75
C GLY B 119 -29.12 3.83 3.33
N LEU B 120 -27.89 4.30 3.49
CA LEU B 120 -26.85 3.45 4.04
C LEU B 120 -26.72 3.66 5.55
N ASP B 121 -26.70 2.55 6.30
CA ASP B 121 -26.59 2.61 7.75
C ASP B 121 -25.14 2.83 8.17
N TYR B 122 -24.81 4.04 8.60
CA TYR B 122 -23.45 4.35 9.02
C TYR B 122 -23.26 4.08 10.51
N GLN B 123 -24.34 3.66 11.16
CA GLN B 123 -24.34 3.38 12.59
C GLN B 123 -23.71 2.03 12.90
N SER B 124 -24.16 1.00 12.19
CA SER B 124 -23.64 -0.35 12.40
C SER B 124 -24.29 -1.32 11.41
N CYS B 125 -23.55 -2.36 11.02
CA CYS B 125 -24.08 -3.37 10.10
C CYS B 125 -24.20 -4.72 10.78
N PRO B 126 -25.14 -5.56 10.32
CA PRO B 126 -25.32 -6.87 10.93
C PRO B 126 -24.11 -7.77 10.81
N THR B 127 -23.75 -8.46 11.89
CA THR B 127 -22.63 -9.38 11.86
C THR B 127 -23.18 -10.72 11.42
N SER B 128 -22.40 -11.77 11.58
CA SER B 128 -22.84 -13.10 11.22
C SER B 128 -24.02 -13.48 12.12
N GLU B 129 -23.82 -13.31 13.43
CA GLU B 129 -24.84 -13.63 14.43
C GLU B 129 -26.13 -12.84 14.24
N ASP B 130 -26.01 -11.53 14.01
CA ASP B 130 -27.17 -10.68 13.80
C ASP B 130 -28.13 -11.34 12.82
N CYS B 131 -27.56 -11.95 11.79
CA CYS B 131 -28.32 -12.62 10.75
C CYS B 131 -27.30 -13.06 9.72
N GLU B 132 -27.46 -14.27 9.20
CA GLU B 132 -26.50 -14.79 8.23
C GLU B 132 -26.37 -14.00 6.93
N ASN B 133 -27.46 -13.83 6.20
CA ASN B 133 -27.41 -13.14 4.91
C ASN B 133 -27.17 -11.62 4.85
N ASN B 134 -26.12 -11.14 5.49
CA ASN B 134 -25.82 -9.71 5.44
C ASN B 134 -24.91 -9.47 4.22
N PRO B 135 -24.82 -8.22 3.75
CA PRO B 135 -24.00 -7.88 2.58
C PRO B 135 -22.51 -8.20 2.62
N VAL B 136 -21.84 -7.90 3.72
CA VAL B 136 -20.41 -8.18 3.78
C VAL B 136 -20.06 -9.65 3.76
N ASP B 137 -20.78 -10.46 4.52
CA ASP B 137 -20.49 -11.88 4.54
C ASP B 137 -20.78 -12.54 3.21
N SER B 138 -21.95 -12.25 2.64
CA SER B 138 -22.30 -12.82 1.34
C SER B 138 -21.26 -12.42 0.30
N PHE B 139 -20.86 -11.16 0.33
CA PHE B 139 -19.85 -10.66 -0.60
C PHE B 139 -18.61 -11.55 -0.56
N TRP B 140 -17.97 -11.62 0.61
CA TRP B 140 -16.76 -12.43 0.78
C TRP B 140 -16.94 -13.91 0.50
N LYS B 141 -18.16 -14.42 0.70
CA LYS B 141 -18.43 -15.80 0.40
C LYS B 141 -18.35 -15.93 -1.13
N ARG B 142 -18.97 -14.99 -1.83
CA ARG B 142 -18.96 -14.98 -3.29
C ARG B 142 -17.56 -14.81 -3.85
N ALA B 143 -16.88 -13.77 -3.39
CA ALA B 143 -15.54 -13.45 -3.85
C ALA B 143 -14.51 -14.56 -3.57
N SER B 144 -14.54 -15.13 -2.36
CA SER B 144 -13.60 -16.17 -2.01
C SER B 144 -13.82 -17.43 -2.86
N ILE B 145 -15.09 -17.76 -3.11
CA ILE B 145 -15.41 -18.93 -3.93
C ILE B 145 -14.80 -18.70 -5.31
N GLN B 146 -14.99 -17.50 -5.83
CA GLN B 146 -14.46 -17.16 -7.14
C GLN B 146 -12.93 -17.26 -7.14
N TYR B 147 -12.31 -16.59 -6.18
CA TYR B 147 -10.86 -16.58 -6.02
C TYR B 147 -10.27 -17.98 -6.00
N SER B 148 -10.95 -18.90 -5.33
CA SER B 148 -10.48 -20.27 -5.23
C SER B 148 -10.58 -21.03 -6.55
N LYS B 149 -11.69 -20.86 -7.26
CA LYS B 149 -11.90 -21.53 -8.52
C LYS B 149 -10.93 -21.02 -9.58
N ASP B 150 -10.54 -19.75 -9.45
CA ASP B 150 -9.62 -19.14 -10.40
C ASP B 150 -8.15 -19.31 -10.08
N SER B 151 -7.82 -19.93 -8.96
CA SER B 151 -6.41 -20.12 -8.60
C SER B 151 -5.84 -21.35 -9.29
N SER B 152 -4.51 -21.40 -9.42
CA SER B 152 -3.89 -22.55 -10.08
C SER B 152 -2.41 -22.66 -9.76
N GLY B 153 -1.81 -23.78 -10.17
CA GLY B 153 -0.41 -23.98 -9.91
C GLY B 153 -0.19 -24.36 -8.46
N VAL B 154 0.81 -23.73 -7.84
CA VAL B 154 1.11 -23.99 -6.45
C VAL B 154 0.26 -23.05 -5.61
N ILE B 155 -0.47 -23.62 -4.66
CA ILE B 155 -1.34 -22.84 -3.79
C ILE B 155 -0.62 -22.58 -2.48
N HIS B 156 -0.52 -21.33 -2.09
CA HIS B 156 0.13 -21.01 -0.82
C HIS B 156 -0.91 -20.57 0.18
N VAL B 157 -0.68 -20.91 1.45
CA VAL B 157 -1.60 -20.55 2.52
C VAL B 157 -0.76 -20.07 3.70
N MET B 158 -0.98 -18.84 4.14
CA MET B 158 -0.24 -18.33 5.30
C MET B 158 -1.15 -18.38 6.53
N LEU B 159 -0.76 -19.16 7.52
CA LEU B 159 -1.55 -19.28 8.74
C LEU B 159 -0.82 -18.72 9.95
N ASN B 160 -1.59 -18.35 10.97
CA ASN B 160 -1.01 -17.79 12.19
C ASN B 160 -0.82 -18.84 13.28
N GLY B 161 0.44 -19.17 13.55
CA GLY B 161 0.75 -20.17 14.56
C GLY B 161 0.86 -19.67 15.98
N SER B 162 0.54 -18.39 16.19
CA SER B 162 0.58 -17.80 17.52
C SER B 162 -0.86 -17.51 17.88
N GLU B 163 -1.76 -18.08 17.08
CA GLU B 163 -3.19 -17.91 17.28
C GLU B 163 -3.63 -18.81 18.43
N PRO B 164 -4.09 -18.20 19.53
CA PRO B 164 -4.54 -18.96 20.69
C PRO B 164 -5.28 -20.23 20.34
N THR B 165 -6.35 -20.07 19.56
CA THR B 165 -7.21 -21.17 19.18
C THR B 165 -6.73 -22.17 18.12
N GLY B 166 -5.58 -21.93 17.52
CA GLY B 166 -5.09 -22.85 16.50
C GLY B 166 -4.81 -22.18 15.17
N ALA B 167 -3.89 -22.77 14.41
CA ALA B 167 -3.49 -22.22 13.11
C ALA B 167 -4.58 -22.29 12.05
N TYR B 168 -5.20 -23.46 11.91
CA TYR B 168 -6.24 -23.69 10.92
C TYR B 168 -7.64 -23.63 11.50
N PRO B 169 -8.38 -22.55 11.23
CA PRO B 169 -9.73 -22.49 11.78
C PRO B 169 -10.57 -23.50 11.02
N ILE B 170 -11.01 -24.58 11.68
CA ILE B 170 -11.81 -25.57 10.98
C ILE B 170 -13.14 -25.01 10.48
N LYS B 171 -13.41 -23.76 10.84
CA LYS B 171 -14.64 -23.10 10.39
C LYS B 171 -14.45 -21.62 10.07
N GLY B 172 -13.68 -21.36 9.02
CA GLY B 172 -13.43 -20.00 8.57
C GLY B 172 -13.65 -19.99 7.06
N PHE B 173 -13.22 -18.93 6.38
CA PHE B 173 -13.40 -18.86 4.94
C PHE B 173 -12.57 -19.92 4.21
N PHE B 174 -11.30 -20.04 4.60
CA PHE B 174 -10.41 -21.01 3.95
C PHE B 174 -10.97 -22.42 4.01
N ALA B 175 -11.47 -22.79 5.19
CA ALA B 175 -11.99 -24.12 5.41
C ALA B 175 -13.38 -24.34 4.79
N ASP B 176 -14.29 -23.38 5.00
CA ASP B 176 -15.65 -23.54 4.51
C ASP B 176 -15.94 -23.15 3.08
N TYR B 177 -15.24 -22.16 2.55
CA TYR B 177 -15.52 -21.71 1.19
C TYR B 177 -14.43 -21.79 0.14
N GLU B 178 -13.18 -21.90 0.55
CA GLU B 178 -12.12 -21.95 -0.44
C GLU B 178 -11.60 -23.34 -0.76
N ILE B 179 -11.18 -24.08 0.27
CA ILE B 179 -10.67 -25.42 0.04
C ILE B 179 -11.67 -26.29 -0.74
N PRO B 180 -12.97 -26.16 -0.44
CA PRO B 180 -13.97 -26.97 -1.14
C PRO B 180 -14.10 -26.56 -2.61
N ASN B 181 -13.57 -25.40 -2.94
CA ASN B 181 -13.65 -24.87 -4.30
C ASN B 181 -12.36 -24.86 -5.09
N LEU B 182 -11.30 -25.42 -4.53
CA LEU B 182 -10.03 -25.48 -5.24
C LEU B 182 -10.20 -26.49 -6.38
N GLN B 183 -9.68 -26.18 -7.55
CA GLN B 183 -9.78 -27.08 -8.70
C GLN B 183 -8.55 -27.98 -8.71
N LYS B 184 -8.73 -29.24 -8.34
CA LYS B 184 -7.59 -30.16 -8.27
C LYS B 184 -6.83 -30.30 -9.60
N GLU B 185 -7.55 -30.30 -10.72
CA GLU B 185 -6.89 -30.46 -12.02
C GLU B 185 -5.91 -29.33 -12.32
N LYS B 186 -6.19 -28.13 -11.81
CA LYS B 186 -5.31 -26.99 -12.06
C LYS B 186 -4.29 -26.72 -10.95
N ILE B 187 -4.37 -27.49 -9.87
CA ILE B 187 -3.44 -27.29 -8.75
C ILE B 187 -2.38 -28.35 -8.70
N THR B 188 -1.12 -27.93 -8.63
CA THR B 188 -0.01 -28.88 -8.59
C THR B 188 0.27 -29.36 -7.16
N ARG B 189 0.22 -28.44 -6.19
CA ARG B 189 0.46 -28.82 -4.82
C ARG B 189 0.07 -27.66 -3.92
N ILE B 190 -0.03 -27.92 -2.62
CA ILE B 190 -0.39 -26.90 -1.65
C ILE B 190 0.73 -26.74 -0.65
N GLU B 191 1.10 -25.50 -0.39
CA GLU B 191 2.18 -25.17 0.54
C GLU B 191 1.61 -24.32 1.65
N ILE B 192 1.92 -24.66 2.90
CA ILE B 192 1.41 -23.89 4.03
C ILE B 192 2.54 -23.19 4.75
N TRP B 193 2.33 -21.94 5.12
CA TRP B 193 3.33 -21.18 5.86
C TRP B 193 2.75 -20.88 7.24
N VAL B 194 3.26 -21.55 8.27
CA VAL B 194 2.77 -21.30 9.62
C VAL B 194 3.68 -20.25 10.22
N MET B 195 3.16 -19.03 10.33
CA MET B 195 3.94 -17.93 10.85
C MET B 195 3.73 -17.69 12.33
N HIS B 196 4.83 -17.62 13.06
CA HIS B 196 4.76 -17.33 14.49
C HIS B 196 5.20 -15.91 14.69
N GLU B 197 4.71 -15.31 15.77
CA GLU B 197 5.05 -13.95 16.09
C GLU B 197 6.51 -13.90 16.54
N ILE B 198 7.18 -12.79 16.28
CA ILE B 198 8.57 -12.69 16.73
C ILE B 198 8.46 -12.75 18.24
N GLY B 199 9.13 -13.73 18.83
CA GLY B 199 9.08 -13.89 20.27
C GLY B 199 7.72 -14.41 20.69
N GLY B 200 6.68 -13.93 20.02
CA GLY B 200 5.31 -14.33 20.31
C GLY B 200 5.14 -15.81 20.61
N PRO B 201 4.00 -16.20 21.21
CA PRO B 201 3.72 -17.60 21.56
C PRO B 201 3.67 -18.55 20.39
N ASN B 202 4.43 -19.64 20.50
CA ASN B 202 4.43 -20.65 19.45
C ASN B 202 3.31 -21.62 19.79
N VAL B 203 2.06 -21.18 19.59
CA VAL B 203 0.91 -22.01 19.89
C VAL B 203 0.82 -23.29 19.07
N GLU B 204 1.21 -23.23 17.79
CA GLU B 204 1.17 -24.40 16.93
C GLU B 204 2.13 -24.28 15.76
N SER B 205 2.81 -25.37 15.44
CA SER B 205 3.72 -25.39 14.31
C SER B 205 3.24 -26.47 13.38
N CYS B 206 3.93 -26.66 12.26
CA CYS B 206 3.52 -27.67 11.30
C CYS B 206 3.27 -29.03 11.95
N GLY B 207 2.30 -29.76 11.38
CA GLY B 207 1.98 -31.08 11.87
C GLY B 207 1.47 -31.18 13.30
N GLU B 208 1.26 -30.06 13.97
CA GLU B 208 0.76 -30.11 15.33
C GLU B 208 -0.71 -29.70 15.36
N GLY B 209 -1.41 -30.11 16.41
CA GLY B 209 -2.81 -29.76 16.57
C GLY B 209 -3.68 -29.65 15.33
N SER B 210 -4.29 -28.48 15.15
CA SER B 210 -5.16 -28.22 14.01
C SER B 210 -4.44 -28.46 12.69
N MET B 211 -3.15 -28.15 12.66
CA MET B 211 -2.36 -28.35 11.44
C MET B 211 -2.36 -29.81 11.01
N LYS B 212 -2.75 -30.70 11.93
CA LYS B 212 -2.82 -32.11 11.60
C LYS B 212 -4.12 -32.33 10.85
N VAL B 213 -5.19 -31.69 11.33
CA VAL B 213 -6.50 -31.79 10.71
C VAL B 213 -6.43 -31.28 9.27
N LEU B 214 -5.96 -30.04 9.11
CA LEU B 214 -5.83 -29.44 7.79
C LEU B 214 -5.04 -30.36 6.88
N GLU B 215 -3.91 -30.85 7.36
CA GLU B 215 -3.08 -31.73 6.56
C GLU B 215 -3.82 -32.99 6.16
N LYS B 216 -4.48 -33.63 7.11
CA LYS B 216 -5.20 -34.86 6.80
C LYS B 216 -6.28 -34.59 5.76
N ARG B 217 -7.03 -33.51 5.94
CA ARG B 217 -8.09 -33.16 4.99
C ARG B 217 -7.57 -32.92 3.59
N LEU B 218 -6.49 -32.14 3.46
CA LEU B 218 -5.94 -31.85 2.15
C LEU B 218 -5.48 -33.12 1.48
N LYS B 219 -4.81 -33.98 2.23
CA LYS B 219 -4.32 -35.24 1.67
C LYS B 219 -5.47 -36.16 1.32
N ASP B 220 -6.48 -36.24 2.19
CA ASP B 220 -7.63 -37.08 1.93
C ASP B 220 -8.28 -36.66 0.61
N MET B 221 -8.26 -35.35 0.35
CA MET B 221 -8.82 -34.78 -0.87
C MET B 221 -8.00 -35.13 -2.09
N GLY B 222 -6.77 -35.57 -1.84
CA GLY B 222 -5.89 -35.98 -2.93
C GLY B 222 -4.87 -34.95 -3.37
N PHE B 223 -4.70 -33.90 -2.57
CA PHE B 223 -3.74 -32.84 -2.88
C PHE B 223 -2.34 -33.20 -2.41
N GLN B 224 -1.34 -32.53 -2.99
CA GLN B 224 0.03 -32.75 -2.59
C GLN B 224 0.24 -31.68 -1.53
N TYR B 225 0.62 -32.09 -0.33
CA TYR B 225 0.80 -31.17 0.80
C TYR B 225 2.25 -30.95 1.25
N SER B 226 2.48 -29.82 1.91
CA SER B 226 3.80 -29.46 2.45
C SER B 226 3.59 -28.24 3.35
N CYS B 227 4.32 -28.20 4.46
CA CYS B 227 4.20 -27.12 5.41
C CYS B 227 5.57 -26.60 5.83
N ILE B 228 5.66 -25.28 5.98
CA ILE B 228 6.89 -24.60 6.35
C ILE B 228 6.63 -23.74 7.56
N ASN B 229 7.57 -23.73 8.50
CA ASN B 229 7.43 -22.90 9.68
C ASN B 229 8.20 -21.62 9.42
N ASP B 230 7.56 -20.50 9.72
CA ASP B 230 8.18 -19.22 9.54
C ASP B 230 8.95 -19.06 8.24
N TYR B 231 8.22 -19.26 7.13
CA TYR B 231 8.75 -19.12 5.78
C TYR B 231 9.63 -17.87 5.79
N ARG B 232 10.92 -18.07 5.57
CA ARG B 232 11.92 -17.00 5.61
C ARG B 232 11.59 -15.62 5.07
N PRO B 233 11.17 -15.54 3.80
CA PRO B 233 10.84 -14.23 3.24
C PRO B 233 9.87 -13.45 4.14
N VAL B 234 8.83 -14.14 4.62
CA VAL B 234 7.85 -13.51 5.50
C VAL B 234 8.42 -13.27 6.89
N LYS B 235 9.33 -14.14 7.34
CA LYS B 235 9.93 -13.97 8.65
C LYS B 235 10.69 -12.66 8.65
N LEU B 236 11.44 -12.44 7.59
CA LEU B 236 12.21 -11.23 7.45
C LEU B 236 11.29 -10.00 7.53
N LEU B 237 10.16 -10.07 6.84
CA LEU B 237 9.22 -8.96 6.84
C LEU B 237 8.75 -8.62 8.25
N GLN B 238 8.45 -9.64 9.05
CA GLN B 238 7.98 -9.42 10.42
C GLN B 238 9.13 -8.82 11.19
N CYS B 239 10.33 -9.25 10.84
CA CYS B 239 11.54 -8.78 11.49
C CYS B 239 11.78 -7.30 11.32
N VAL B 240 11.23 -6.73 10.26
CA VAL B 240 11.41 -5.31 9.99
C VAL B 240 11.03 -4.49 11.22
N ASP B 241 10.12 -5.02 12.03
CA ASP B 241 9.65 -4.31 13.22
C ASP B 241 10.20 -4.82 14.53
N HIS B 242 11.18 -5.70 14.46
CA HIS B 242 11.80 -6.28 15.66
C HIS B 242 13.27 -6.55 15.35
N SER B 243 13.91 -5.59 14.70
CA SER B 243 15.31 -5.71 14.31
C SER B 243 16.27 -6.07 15.44
N THR B 244 16.01 -5.55 16.64
CA THR B 244 16.88 -5.79 17.79
C THR B 244 16.64 -7.10 18.51
N HIS B 245 15.55 -7.78 18.17
CA HIS B 245 15.23 -9.05 18.79
C HIS B 245 16.17 -10.11 18.24
N PRO B 246 16.55 -11.09 19.07
CA PRO B 246 17.48 -12.12 18.60
C PRO B 246 17.02 -13.01 17.44
N ASP B 247 15.72 -13.13 17.24
CA ASP B 247 15.23 -13.97 16.13
C ASP B 247 15.42 -13.24 14.81
N CYS B 248 15.77 -11.97 14.90
CA CYS B 248 15.95 -11.14 13.72
C CYS B 248 17.39 -10.65 13.55
N ALA B 249 18.34 -11.39 14.10
CA ALA B 249 19.73 -10.99 13.99
C ALA B 249 20.40 -11.62 12.78
N LEU B 250 21.07 -10.80 11.98
CA LEU B 250 21.75 -11.25 10.79
C LEU B 250 23.19 -11.62 11.10
N LYS B 251 23.77 -12.52 10.30
CA LYS B 251 25.15 -12.92 10.49
C LYS B 251 26.14 -11.80 10.11
#